data_5WGD
#
_entry.id   5WGD
#
_cell.length_a   56.037
_cell.length_b   83.831
_cell.length_c   58.375
_cell.angle_alpha   90.00
_cell.angle_beta   108.32
_cell.angle_gamma   90.00
#
_symmetry.space_group_name_H-M   'P 1 21 1'
#
loop_
_entity.id
_entity.type
_entity.pdbx_description
1 polymer 'Estrogen receptor'
2 polymer (ACE)HKILHKLLQDS(NH2)
3 polymer (ACE)AILHKLLQDS(NH2)
4 non-polymer ESTRADIOL
5 water water
#
loop_
_entity_poly.entity_id
_entity_poly.type
_entity_poly.pdbx_seq_one_letter_code
_entity_poly.pdbx_strand_id
1 'polypeptide(L)'
;MDPMIKRSKKNSLALSLTADQMVSALLDAEPPILYSEYDPTRPFSEASMMGLLTNLADRELVHMINWAKRVPGFVDLTLH
DQVHLLECAWLEILMIGLVWRSMEHPGKLLFAPNLLLDRNQGKCVEGMVEIFDMLLATSSRFRMMNLQGEEFVCLKSIIL
LNSGVYTFLSSTLKSLEEKDHIHRVLDKITDTLIHLMAKAGLTLQQQHQRLAQLLLILSHIRHMSNKGMEHLYSMKCKNV
VPLSDLLLEMLDAHRLHAPTS
;
A,B
2 'polypeptide(L)' (ACE)HKILHKLLQDS(NH2) E
3 'polypeptide(L)' (ACE)AILHKLLQDS(NH2) F
#
loop_
_chem_comp.id
_chem_comp.type
_chem_comp.name
_chem_comp.formula
ACE non-polymer 'ACETYL GROUP' 'C2 H4 O'
EST non-polymer ESTRADIOL 'C18 H24 O2'
NH2 non-polymer 'AMINO GROUP' 'H2 N'
#
# COMPACT_ATOMS: atom_id res chain seq x y z
N LEU A 15 -15.53 -17.70 11.19
CA LEU A 15 -15.57 -16.91 12.41
C LEU A 15 -15.47 -17.75 13.66
N SER A 16 -15.84 -19.00 13.53
CA SER A 16 -15.75 -20.03 14.56
C SER A 16 -14.35 -20.48 14.88
N LEU A 17 -13.46 -20.31 13.95
CA LEU A 17 -12.14 -20.83 14.10
C LEU A 17 -11.39 -20.15 15.22
N THR A 18 -10.63 -20.94 15.95
CA THR A 18 -9.72 -20.42 16.96
C THR A 18 -8.46 -19.91 16.28
N ALA A 19 -7.61 -19.23 17.04
CA ALA A 19 -6.35 -18.72 16.52
C ALA A 19 -5.45 -19.86 16.02
N ASP A 20 -5.31 -20.91 16.82
CA ASP A 20 -4.47 -22.05 16.46
C ASP A 20 -5.02 -22.78 15.24
N GLN A 21 -6.34 -22.87 15.15
CA GLN A 21 -6.97 -23.50 13.99
C GLN A 21 -6.77 -22.66 12.73
N MET A 22 -6.81 -21.34 12.89
CA MET A 22 -6.60 -20.42 11.78
C MET A 22 -5.19 -20.57 11.22
N VAL A 23 -4.20 -20.59 12.11
CA VAL A 23 -2.80 -20.77 11.72
C VAL A 23 -2.59 -22.09 10.98
N SER A 24 -3.12 -23.18 11.55
CA SER A 24 -3.01 -24.49 10.93
C SER A 24 -3.64 -24.52 9.54
N ALA A 25 -4.83 -23.93 9.43
CA ALA A 25 -5.50 -23.83 8.14
C ALA A 25 -4.61 -23.15 7.11
N LEU A 26 -4.06 -22.00 7.48
CA LEU A 26 -3.24 -21.23 6.55
C LEU A 26 -1.92 -21.94 6.22
N LEU A 27 -1.29 -22.54 7.22
CA LEU A 27 -0.05 -23.28 6.96
C LEU A 27 -0.31 -24.46 6.02
N ASP A 28 -1.42 -25.16 6.24
CA ASP A 28 -1.81 -26.30 5.41
C ASP A 28 -2.05 -25.92 3.96
N ALA A 29 -2.55 -24.71 3.73
CA ALA A 29 -2.97 -24.26 2.41
C ALA A 29 -1.82 -23.76 1.55
N GLU A 30 -0.63 -23.66 2.13
CA GLU A 30 0.52 -23.07 1.45
C GLU A 30 0.84 -23.74 0.12
N PRO A 31 1.01 -22.95 -0.94
CA PRO A 31 1.38 -23.49 -2.25
C PRO A 31 2.83 -23.93 -2.28
N PRO A 32 3.17 -24.82 -3.21
CA PRO A 32 4.56 -25.25 -3.36
C PRO A 32 5.44 -24.18 -3.97
N ILE A 33 6.75 -24.35 -3.80
CA ILE A 33 7.72 -23.53 -4.53
C ILE A 33 7.99 -24.18 -5.87
N LEU A 34 7.70 -23.45 -6.95
CA LEU A 34 7.83 -23.98 -8.29
C LEU A 34 9.20 -23.69 -8.87
N TYR A 35 9.58 -24.45 -9.91
CA TYR A 35 10.84 -24.19 -10.59
C TYR A 35 10.59 -23.37 -11.85
N SER A 36 11.58 -22.56 -12.22
CA SER A 36 11.46 -21.82 -13.47
C SER A 36 11.90 -22.69 -14.63
N GLU A 37 11.64 -22.22 -15.84
CA GLU A 37 12.12 -22.93 -17.02
C GLU A 37 13.50 -22.40 -17.45
N TYR A 38 14.31 -22.01 -16.47
CA TYR A 38 15.65 -21.48 -16.76
C TYR A 38 16.48 -22.45 -17.58
N ASP A 39 17.10 -21.90 -18.63
CA ASP A 39 17.92 -22.67 -19.55
C ASP A 39 19.35 -22.16 -19.50
N PRO A 40 20.24 -22.91 -18.84
CA PRO A 40 21.60 -22.41 -18.65
C PRO A 40 22.48 -22.51 -19.90
N THR A 41 21.93 -22.91 -21.04
CA THR A 41 22.75 -23.06 -22.24
C THR A 41 22.94 -21.74 -22.99
N ARG A 42 22.15 -20.74 -22.65
CA ARG A 42 22.19 -19.46 -23.37
C ARG A 42 22.22 -18.27 -22.42
N PRO A 43 22.85 -17.16 -22.85
CA PRO A 43 22.84 -15.93 -22.04
C PRO A 43 21.43 -15.35 -21.95
N PHE A 44 21.19 -14.53 -20.94
CA PHE A 44 19.91 -13.84 -20.81
C PHE A 44 19.77 -12.74 -21.85
N SER A 45 18.55 -12.54 -22.33
CA SER A 45 18.19 -11.32 -23.02
C SER A 45 17.04 -10.69 -22.24
N GLU A 46 16.67 -9.47 -22.62
CA GLU A 46 15.53 -8.83 -21.96
C GLU A 46 14.28 -9.69 -22.15
N ALA A 47 14.10 -10.17 -23.37
CA ALA A 47 12.96 -11.00 -23.71
C ALA A 47 12.99 -12.33 -22.98
N SER A 48 14.15 -12.96 -22.92
CA SER A 48 14.21 -14.30 -22.34
C SER A 48 14.03 -14.24 -20.80
N MET A 49 14.52 -13.20 -20.15
CA MET A 49 14.29 -13.09 -18.72
C MET A 49 12.82 -12.78 -18.42
N MET A 50 12.23 -11.86 -19.19
CA MET A 50 10.80 -11.59 -19.01
C MET A 50 9.99 -12.85 -19.26
N GLY A 51 10.41 -13.64 -20.24
CA GLY A 51 9.76 -14.92 -20.53
C GLY A 51 9.78 -15.86 -19.33
N LEU A 52 10.94 -16.00 -18.71
CA LEU A 52 11.08 -16.85 -17.53
C LEU A 52 10.18 -16.38 -16.40
N LEU A 53 10.23 -15.09 -16.11
CA LEU A 53 9.49 -14.56 -14.98
C LEU A 53 7.99 -14.64 -15.17
N THR A 54 7.52 -14.39 -16.40
CA THR A 54 6.08 -14.43 -16.64
C THR A 54 5.56 -15.87 -16.77
N ASN A 55 6.41 -16.76 -17.28
CA ASN A 55 6.07 -18.19 -17.31
C ASN A 55 5.91 -18.73 -15.89
N LEU A 56 6.83 -18.33 -15.01
CA LEU A 56 6.76 -18.68 -13.59
C LEU A 56 5.49 -18.13 -12.94
N ALA A 57 5.24 -16.85 -13.10
CA ALA A 57 4.03 -16.22 -12.55
C ALA A 57 2.75 -16.95 -12.95
N ASP A 58 2.69 -17.26 -14.23
CA ASP A 58 1.54 -17.95 -14.76
C ASP A 58 1.28 -19.30 -14.08
N ARG A 59 2.32 -20.09 -13.89
CA ARG A 59 2.14 -21.36 -13.19
C ARG A 59 1.79 -21.19 -11.70
N GLU A 60 2.39 -20.18 -11.09
CA GLU A 60 2.09 -19.85 -9.70
C GLU A 60 0.63 -19.44 -9.50
N LEU A 61 0.09 -18.76 -10.49
CA LEU A 61 -1.26 -18.29 -10.42
C LEU A 61 -2.26 -19.41 -10.25
N VAL A 62 -2.07 -20.51 -10.97
CA VAL A 62 -2.99 -21.63 -10.83
C VAL A 62 -2.97 -22.16 -9.39
N HIS A 63 -1.81 -22.20 -8.77
CA HIS A 63 -1.71 -22.60 -7.36
C HIS A 63 -2.31 -21.55 -6.45
N MET A 64 -2.17 -20.28 -6.82
CA MET A 64 -2.69 -19.20 -5.99
C MET A 64 -4.21 -19.28 -5.92
N ILE A 65 -4.82 -19.61 -7.05
CA ILE A 65 -6.27 -19.69 -7.14
C ILE A 65 -6.80 -20.77 -6.19
N ASN A 66 -6.10 -21.90 -6.11
CA ASN A 66 -6.54 -22.97 -5.26
C ASN A 66 -6.19 -22.75 -3.79
N TRP A 67 -5.10 -22.02 -3.54
CA TRP A 67 -4.79 -21.57 -2.19
C TRP A 67 -5.87 -20.62 -1.66
N ALA A 68 -6.33 -19.71 -2.51
CA ALA A 68 -7.29 -18.71 -2.08
C ALA A 68 -8.57 -19.38 -1.60
N LYS A 69 -8.97 -20.42 -2.31
CA LYS A 69 -10.16 -21.20 -1.97
C LYS A 69 -10.06 -21.83 -0.58
N ARG A 70 -8.85 -21.96 -0.06
CA ARG A 70 -8.64 -22.58 1.24
C ARG A 70 -8.45 -21.54 2.34
N VAL A 71 -8.41 -20.27 1.97
CA VAL A 71 -8.39 -19.20 2.95
C VAL A 71 -9.79 -19.05 3.57
N PRO A 72 -9.90 -19.20 4.91
CA PRO A 72 -11.19 -19.12 5.59
C PRO A 72 -12.05 -17.92 5.14
N GLY A 73 -13.27 -18.20 4.72
CA GLY A 73 -14.21 -17.18 4.31
C GLY A 73 -14.23 -16.84 2.82
N PHE A 74 -13.17 -17.21 2.10
CA PHE A 74 -13.06 -16.80 0.70
C PHE A 74 -14.12 -17.47 -0.19
N VAL A 75 -14.34 -18.78 -0.03
CA VAL A 75 -15.28 -19.47 -0.90
C VAL A 75 -16.73 -19.14 -0.61
N ASP A 76 -16.99 -18.44 0.51
CA ASP A 76 -18.34 -17.98 0.83
C ASP A 76 -18.76 -16.80 -0.02
N LEU A 77 -17.78 -16.10 -0.58
CA LEU A 77 -18.04 -14.93 -1.42
C LEU A 77 -18.60 -15.36 -2.78
N THR A 78 -19.30 -14.47 -3.47
CA THR A 78 -19.72 -14.75 -4.84
C THR A 78 -18.49 -14.91 -5.73
N LEU A 79 -18.66 -15.61 -6.85
CA LEU A 79 -17.57 -15.78 -7.81
C LEU A 79 -17.06 -14.42 -8.28
N HIS A 80 -17.97 -13.47 -8.47
CA HIS A 80 -17.57 -12.13 -8.87
C HIS A 80 -16.66 -11.48 -7.83
N ASP A 81 -16.98 -11.66 -6.55
CA ASP A 81 -16.17 -11.09 -5.47
C ASP A 81 -14.82 -11.81 -5.36
N GLN A 82 -14.84 -13.13 -5.52
CA GLN A 82 -13.60 -13.89 -5.53
C GLN A 82 -12.70 -13.43 -6.68
N VAL A 83 -13.28 -13.26 -7.86
CA VAL A 83 -12.53 -12.79 -9.03
C VAL A 83 -11.92 -11.42 -8.74
N HIS A 84 -12.74 -10.53 -8.19
CA HIS A 84 -12.29 -9.19 -7.93
C HIS A 84 -11.12 -9.12 -6.94
N LEU A 85 -11.20 -9.87 -5.84
CA LEU A 85 -10.12 -9.86 -4.87
C LEU A 85 -8.81 -10.42 -5.44
N LEU A 86 -8.89 -11.49 -6.22
CA LEU A 86 -7.70 -12.09 -6.81
C LEU A 86 -7.11 -11.17 -7.90
N GLU A 87 -7.99 -10.52 -8.67
CA GLU A 87 -7.55 -9.58 -9.68
C GLU A 87 -6.81 -8.41 -9.04
N CYS A 88 -7.30 -7.94 -7.89
N CYS A 88 -7.29 -7.96 -7.89
CA CYS A 88 -6.63 -6.83 -7.22
CA CYS A 88 -6.66 -6.84 -7.22
C CYS A 88 -5.29 -7.23 -6.63
C CYS A 88 -5.31 -7.22 -6.61
N ALA A 89 -5.25 -8.41 -6.00
CA ALA A 89 -4.10 -8.77 -5.15
C ALA A 89 -3.04 -9.71 -5.73
N TRP A 90 -3.23 -10.23 -6.93
CA TRP A 90 -2.37 -11.32 -7.40
C TRP A 90 -0.88 -10.97 -7.40
N LEU A 91 -0.50 -9.78 -7.85
CA LEU A 91 0.92 -9.47 -7.92
C LEU A 91 1.49 -9.15 -6.53
N GLU A 92 0.68 -8.54 -5.67
CA GLU A 92 1.07 -8.38 -4.27
C GLU A 92 1.38 -9.74 -3.62
N ILE A 93 0.53 -10.72 -3.89
CA ILE A 93 0.72 -12.05 -3.32
C ILE A 93 1.97 -12.74 -3.90
N LEU A 94 2.18 -12.63 -5.21
CA LEU A 94 3.41 -13.17 -5.80
C LEU A 94 4.64 -12.51 -5.17
N MET A 95 4.57 -11.20 -4.98
CA MET A 95 5.71 -10.46 -4.46
C MET A 95 6.01 -10.77 -2.99
N ILE A 96 4.99 -10.89 -2.15
CA ILE A 96 5.29 -11.15 -0.74
C ILE A 96 5.83 -12.58 -0.63
N GLY A 97 5.35 -13.47 -1.49
CA GLY A 97 5.89 -14.81 -1.58
C GLY A 97 7.36 -14.79 -1.95
N LEU A 98 7.69 -14.02 -3.00
CA LEU A 98 9.07 -13.85 -3.43
C LEU A 98 9.96 -13.28 -2.31
N VAL A 99 9.48 -12.24 -1.64
CA VAL A 99 10.26 -11.61 -0.59
C VAL A 99 10.51 -12.61 0.55
N TRP A 100 9.49 -13.39 0.89
CA TRP A 100 9.63 -14.43 1.91
C TRP A 100 10.67 -15.50 1.52
N ARG A 101 10.60 -16.01 0.29
CA ARG A 101 11.57 -16.99 -0.21
C ARG A 101 12.99 -16.48 -0.17
N SER A 102 13.13 -15.16 -0.30
CA SER A 102 14.43 -14.55 -0.50
C SER A 102 15.09 -14.11 0.80
N MET A 103 14.37 -14.27 1.91
CA MET A 103 14.85 -13.83 3.22
C MET A 103 16.24 -14.35 3.59
N GLU A 104 16.47 -15.64 3.34
CA GLU A 104 17.74 -16.26 3.72
C GLU A 104 18.78 -16.14 2.62
N HIS A 105 18.57 -15.21 1.70
CA HIS A 105 19.53 -14.93 0.64
C HIS A 105 19.77 -13.44 0.47
N PRO A 106 20.53 -12.82 1.40
CA PRO A 106 20.77 -11.38 1.33
C PRO A 106 21.30 -10.94 -0.03
N GLY A 107 20.69 -9.91 -0.60
CA GLY A 107 21.15 -9.35 -1.86
C GLY A 107 20.63 -10.06 -3.10
N LYS A 108 19.80 -11.07 -2.91
CA LYS A 108 19.29 -11.84 -4.04
C LYS A 108 17.79 -12.06 -3.94
N LEU A 109 17.16 -12.29 -5.10
CA LEU A 109 15.76 -12.65 -5.16
C LEU A 109 15.64 -14.08 -5.66
N LEU A 110 15.05 -14.92 -4.82
CA LEU A 110 14.84 -16.33 -5.14
C LEU A 110 13.50 -16.49 -5.84
N PHE A 111 13.46 -16.20 -7.14
CA PHE A 111 12.24 -16.40 -7.91
C PHE A 111 11.88 -17.88 -7.91
N ALA A 112 12.91 -18.72 -8.03
CA ALA A 112 12.77 -20.16 -8.01
C ALA A 112 14.10 -20.73 -7.53
N PRO A 113 14.12 -22.00 -7.06
CA PRO A 113 15.41 -22.51 -6.60
C PRO A 113 16.45 -22.56 -7.71
N ASN A 114 16.01 -22.60 -8.97
CA ASN A 114 16.95 -22.59 -10.08
C ASN A 114 16.96 -21.22 -10.77
N LEU A 115 16.45 -20.21 -10.09
CA LEU A 115 16.48 -18.84 -10.62
C LEU A 115 16.65 -17.86 -9.46
N LEU A 116 17.91 -17.71 -9.04
CA LEU A 116 18.27 -16.82 -7.94
C LEU A 116 19.06 -15.65 -8.51
N LEU A 117 18.43 -14.47 -8.52
CA LEU A 117 18.99 -13.32 -9.23
C LEU A 117 19.43 -12.22 -8.27
N ASP A 118 20.57 -11.58 -8.57
CA ASP A 118 20.94 -10.38 -7.81
C ASP A 118 20.52 -9.15 -8.60
N ARG A 119 20.76 -7.96 -8.05
CA ARG A 119 20.22 -6.75 -8.65
C ARG A 119 20.81 -6.49 -10.03
N ASN A 120 22.06 -6.89 -10.22
CA ASN A 120 22.75 -6.68 -11.49
C ASN A 120 22.04 -7.37 -12.65
N GLN A 121 21.46 -8.52 -12.37
CA GLN A 121 20.76 -9.28 -13.40
C GLN A 121 19.41 -8.67 -13.73
N GLY A 122 18.88 -7.85 -12.82
CA GLY A 122 17.66 -7.13 -13.08
C GLY A 122 17.84 -6.08 -14.17
N LYS A 123 19.07 -5.57 -14.32
CA LYS A 123 19.39 -4.57 -15.32
C LYS A 123 19.19 -5.10 -16.74
N CYS A 124 19.08 -6.43 -16.85
CA CYS A 124 18.87 -7.09 -18.13
C CYS A 124 17.56 -6.63 -18.78
N VAL A 125 16.60 -6.27 -17.95
CA VAL A 125 15.30 -5.81 -18.40
C VAL A 125 15.14 -4.34 -18.09
N GLU A 126 14.81 -3.53 -19.10
CA GLU A 126 14.65 -2.10 -18.92
C GLU A 126 13.64 -1.80 -17.81
N GLY A 127 14.04 -0.97 -16.87
CA GLY A 127 13.17 -0.50 -15.81
C GLY A 127 12.94 -1.51 -14.69
N MET A 128 13.61 -2.65 -14.78
CA MET A 128 13.37 -3.71 -13.82
C MET A 128 14.20 -3.57 -12.53
N VAL A 129 15.39 -3.00 -12.64
CA VAL A 129 16.30 -2.98 -11.49
C VAL A 129 15.71 -2.16 -10.34
N GLU A 130 14.94 -1.12 -10.67
CA GLU A 130 14.28 -0.32 -9.64
C GLU A 130 13.33 -1.16 -8.80
N ILE A 131 12.61 -2.06 -9.47
CA ILE A 131 11.69 -2.95 -8.78
C ILE A 131 12.44 -4.03 -8.00
N PHE A 132 13.52 -4.55 -8.57
CA PHE A 132 14.38 -5.46 -7.82
C PHE A 132 14.84 -4.78 -6.53
N ASP A 133 15.28 -3.54 -6.65
CA ASP A 133 15.81 -2.81 -5.49
C ASP A 133 14.77 -2.69 -4.38
N MET A 134 13.51 -2.44 -4.75
CA MET A 134 12.45 -2.35 -3.75
C MET A 134 12.18 -3.71 -3.10
N LEU A 135 12.13 -4.74 -3.92
CA LEU A 135 11.90 -6.10 -3.43
C LEU A 135 13.01 -6.53 -2.48
N LEU A 136 14.25 -6.20 -2.83
CA LEU A 136 15.40 -6.53 -2.00
C LEU A 136 15.36 -5.80 -0.65
N ALA A 137 14.92 -4.54 -0.68
CA ALA A 137 14.82 -3.76 0.56
C ALA A 137 13.75 -4.33 1.49
N THR A 138 12.68 -4.86 0.89
CA THR A 138 11.59 -5.45 1.66
C THR A 138 12.04 -6.77 2.28
N SER A 139 12.83 -7.54 1.53
CA SER A 139 13.41 -8.76 2.04
C SER A 139 14.32 -8.47 3.25
N SER A 140 15.11 -7.41 3.14
CA SER A 140 15.97 -6.96 4.24
C SER A 140 15.16 -6.57 5.47
N ARG A 141 14.01 -5.92 5.25
CA ARG A 141 13.14 -5.52 6.34
C ARG A 141 12.55 -6.74 7.06
N PHE A 142 12.16 -7.78 6.32
CA PHE A 142 11.69 -9.00 6.87
C PHE A 142 12.77 -9.65 7.75
N ARG A 143 13.98 -9.59 7.25
CA ARG A 143 15.11 -10.16 7.97
C ARG A 143 15.37 -9.39 9.26
N MET A 144 15.32 -8.06 9.18
CA MET A 144 15.51 -7.21 10.34
C MET A 144 14.45 -7.47 11.40
N MET A 145 13.23 -7.75 10.96
CA MET A 145 12.10 -8.02 11.86
C MET A 145 12.07 -9.45 12.38
N ASN A 146 12.87 -10.32 11.77
CA ASN A 146 12.80 -11.76 12.00
C ASN A 146 11.37 -12.28 11.80
N LEU A 147 10.80 -11.95 10.64
CA LEU A 147 9.45 -12.40 10.29
C LEU A 147 9.35 -13.92 10.34
N GLN A 148 8.35 -14.41 11.06
CA GLN A 148 8.11 -15.85 11.21
C GLN A 148 7.14 -16.37 10.15
N GLY A 149 7.24 -17.67 9.86
CA GLY A 149 6.37 -18.29 8.87
C GLY A 149 4.90 -18.14 9.18
N GLU A 150 4.54 -18.25 10.45
CA GLU A 150 3.15 -18.13 10.86
C GLU A 150 2.65 -16.69 10.65
N GLU A 151 3.53 -15.71 10.84
CA GLU A 151 3.17 -14.33 10.58
C GLU A 151 3.03 -14.09 9.07
N PHE A 152 3.93 -14.70 8.30
CA PHE A 152 3.90 -14.55 6.85
C PHE A 152 2.56 -15.00 6.24
N VAL A 153 2.08 -16.17 6.63
CA VAL A 153 0.85 -16.67 6.03
C VAL A 153 -0.35 -15.80 6.43
N CYS A 154 -0.34 -15.25 7.64
CA CYS A 154 -1.40 -14.32 8.04
C CYS A 154 -1.41 -13.08 7.15
N LEU A 155 -0.22 -12.53 6.91
CA LEU A 155 -0.09 -11.33 6.07
C LEU A 155 -0.55 -11.57 4.64
N LYS A 156 -0.23 -12.75 4.11
CA LYS A 156 -0.60 -13.08 2.74
C LYS A 156 -2.12 -13.17 2.60
N SER A 157 -2.77 -13.75 3.60
N SER A 157 -2.79 -13.75 3.59
CA SER A 157 -4.22 -13.86 3.59
CA SER A 157 -4.24 -13.85 3.50
C SER A 157 -4.88 -12.50 3.77
C SER A 157 -4.90 -12.49 3.76
N ILE A 158 -4.25 -11.63 4.55
CA ILE A 158 -4.76 -10.28 4.75
C ILE A 158 -4.74 -9.53 3.41
N ILE A 159 -3.64 -9.65 2.68
CA ILE A 159 -3.54 -9.02 1.36
C ILE A 159 -4.67 -9.49 0.44
N LEU A 160 -4.93 -10.80 0.40
CA LEU A 160 -5.99 -11.33 -0.45
C LEU A 160 -7.33 -10.71 -0.10
N LEU A 161 -7.63 -10.65 1.19
CA LEU A 161 -8.95 -10.18 1.64
C LEU A 161 -9.08 -8.65 1.68
N ASN A 162 -7.97 -7.95 1.87
CA ASN A 162 -8.04 -6.49 2.02
C ASN A 162 -7.88 -5.67 0.75
N SER A 163 -7.02 -6.11 -0.17
CA SER A 163 -6.55 -5.21 -1.21
C SER A 163 -7.67 -4.69 -2.09
N GLY A 164 -8.67 -5.52 -2.36
CA GLY A 164 -9.77 -5.09 -3.20
C GLY A 164 -11.08 -4.93 -2.45
N VAL A 165 -11.02 -4.93 -1.12
CA VAL A 165 -12.24 -5.00 -0.32
C VAL A 165 -13.03 -3.69 -0.32
N TYR A 166 -12.38 -2.57 -0.51
CA TYR A 166 -13.14 -1.33 -0.53
C TYR A 166 -13.69 -1.07 -1.93
N THR A 167 -13.15 -1.71 -2.96
CA THR A 167 -13.78 -1.73 -4.28
C THR A 167 -15.04 -2.56 -4.28
N ASP A 180 -19.04 -6.89 5.46
CA ASP A 180 -18.86 -7.07 6.90
C ASP A 180 -18.29 -8.45 7.20
N HIS A 181 -18.75 -9.44 6.43
CA HIS A 181 -18.24 -10.80 6.51
C HIS A 181 -16.72 -10.80 6.33
N ILE A 182 -16.25 -10.12 5.29
CA ILE A 182 -14.81 -10.03 5.02
C ILE A 182 -14.08 -9.36 6.18
N HIS A 183 -14.69 -8.31 6.74
CA HIS A 183 -14.04 -7.58 7.82
C HIS A 183 -13.98 -8.38 9.10
N ARG A 184 -14.94 -9.29 9.27
CA ARG A 184 -14.92 -10.19 10.41
C ARG A 184 -13.78 -11.19 10.32
N VAL A 185 -13.52 -11.69 9.11
CA VAL A 185 -12.40 -12.60 8.91
C VAL A 185 -11.09 -11.85 9.10
N LEU A 186 -11.02 -10.62 8.57
CA LEU A 186 -9.83 -9.81 8.75
C LEU A 186 -9.57 -9.57 10.23
N ASP A 187 -10.63 -9.34 11.01
CA ASP A 187 -10.49 -9.18 12.46
C ASP A 187 -9.98 -10.46 13.13
N LYS A 188 -10.41 -11.60 12.61
CA LYS A 188 -9.98 -12.90 13.14
C LYS A 188 -8.48 -13.12 12.87
N ILE A 189 -8.01 -12.67 11.72
CA ILE A 189 -6.58 -12.79 11.40
C ILE A 189 -5.76 -11.87 12.30
N THR A 190 -6.31 -10.71 12.63
CA THR A 190 -5.64 -9.81 13.58
C THR A 190 -5.48 -10.47 14.95
N ASP A 191 -6.57 -11.07 15.46
CA ASP A 191 -6.50 -11.79 16.73
C ASP A 191 -5.43 -12.88 16.65
N THR A 192 -5.33 -13.49 15.47
CA THR A 192 -4.39 -14.58 15.25
C THR A 192 -2.94 -14.08 15.30
N LEU A 193 -2.68 -12.95 14.66
CA LEU A 193 -1.35 -12.36 14.71
C LEU A 193 -0.94 -12.02 16.14
N ILE A 194 -1.87 -11.40 16.89
CA ILE A 194 -1.58 -11.05 18.28
C ILE A 194 -1.33 -12.31 19.13
N HIS A 195 -2.15 -13.34 18.91
CA HIS A 195 -1.96 -14.62 19.59
C HIS A 195 -0.56 -15.18 19.36
N LEU A 196 -0.11 -15.17 18.10
CA LEU A 196 1.21 -15.70 17.77
C LEU A 196 2.30 -14.92 18.49
N MET A 197 2.14 -13.60 18.55
CA MET A 197 3.12 -12.75 19.20
C MET A 197 3.16 -12.93 20.71
N ALA A 198 1.98 -13.06 21.31
CA ALA A 198 1.88 -13.32 22.74
C ALA A 198 2.49 -14.68 23.06
N LYS A 199 2.20 -15.67 22.22
CA LYS A 199 2.71 -17.02 22.44
C LYS A 199 4.23 -17.05 22.31
N ALA A 200 4.78 -16.11 21.55
CA ALA A 200 6.23 -16.02 21.36
C ALA A 200 6.90 -15.21 22.48
N GLY A 201 6.10 -14.69 23.41
CA GLY A 201 6.65 -14.02 24.57
C GLY A 201 6.82 -12.51 24.47
N LEU A 202 6.27 -11.90 23.43
N LEU A 202 6.28 -11.90 23.42
CA LEU A 202 6.32 -10.45 23.29
CA LEU A 202 6.32 -10.45 23.29
C LEU A 202 5.45 -9.80 24.36
C LEU A 202 5.45 -9.80 24.37
N THR A 203 5.92 -8.68 24.91
CA THR A 203 5.13 -7.92 25.88
C THR A 203 3.91 -7.30 25.20
N LEU A 204 2.92 -6.87 25.99
CA LEU A 204 1.72 -6.28 25.42
C LEU A 204 2.03 -5.08 24.50
N GLN A 205 2.96 -4.22 24.92
CA GLN A 205 3.32 -3.06 24.09
C GLN A 205 4.03 -3.52 22.81
N GLN A 206 4.93 -4.49 22.95
CA GLN A 206 5.63 -5.05 21.80
C GLN A 206 4.65 -5.68 20.81
N GLN A 207 3.52 -6.18 21.30
CA GLN A 207 2.53 -6.79 20.42
C GLN A 207 1.89 -5.78 19.47
N HIS A 208 1.40 -4.65 19.98
CA HIS A 208 0.77 -3.70 19.09
C HIS A 208 1.81 -2.98 18.22
N GLN A 209 3.04 -2.85 18.72
CA GLN A 209 4.09 -2.22 17.92
C GLN A 209 4.46 -3.09 16.73
N ARG A 210 4.61 -4.40 16.97
CA ARG A 210 4.94 -5.31 15.89
C ARG A 210 3.79 -5.48 14.90
N LEU A 211 2.57 -5.52 15.41
CA LEU A 211 1.38 -5.61 14.55
C LEU A 211 1.40 -4.46 13.55
N ALA A 212 1.65 -3.26 14.06
CA ALA A 212 1.77 -2.07 13.22
C ALA A 212 2.91 -2.17 12.20
N GLN A 213 4.10 -2.59 12.65
CA GLN A 213 5.24 -2.74 11.75
C GLN A 213 4.92 -3.69 10.62
N LEU A 214 4.28 -4.81 10.95
CA LEU A 214 3.95 -5.81 9.93
C LEU A 214 2.93 -5.28 8.94
N LEU A 215 1.91 -4.58 9.42
CA LEU A 215 0.85 -4.11 8.54
C LEU A 215 1.32 -2.93 7.67
N LEU A 216 2.28 -2.16 8.17
CA LEU A 216 2.83 -1.07 7.36
C LEU A 216 3.64 -1.61 6.19
N ILE A 217 4.18 -2.81 6.35
CA ILE A 217 4.81 -3.48 5.21
C ILE A 217 3.85 -3.63 4.03
N LEU A 218 2.60 -3.87 4.32
CA LEU A 218 1.60 -4.06 3.28
C LEU A 218 1.42 -2.84 2.39
N SER A 219 1.70 -1.64 2.91
CA SER A 219 1.68 -0.43 2.11
CA SER A 219 1.65 -0.44 2.09
C SER A 219 2.80 -0.44 1.08
N HIS A 220 3.96 -0.94 1.51
CA HIS A 220 5.10 -1.03 0.62
C HIS A 220 4.87 -2.11 -0.43
N ILE A 221 4.27 -3.23 -0.04
CA ILE A 221 3.99 -4.29 -1.00
C ILE A 221 2.99 -3.80 -2.05
N ARG A 222 1.99 -3.01 -1.63
CA ARG A 222 1.06 -2.42 -2.57
C ARG A 222 1.78 -1.53 -3.59
N HIS A 223 2.68 -0.68 -3.10
CA HIS A 223 3.46 0.22 -3.96
C HIS A 223 4.26 -0.56 -5.02
N MET A 224 4.96 -1.60 -4.58
CA MET A 224 5.76 -2.41 -5.49
C MET A 224 4.89 -3.11 -6.53
N SER A 225 3.73 -3.57 -6.09
CA SER A 225 2.79 -4.18 -7.02
C SER A 225 2.32 -3.19 -8.07
N ASN A 226 2.00 -1.96 -7.65
CA ASN A 226 1.58 -0.94 -8.61
C ASN A 226 2.67 -0.66 -9.63
N LYS A 227 3.91 -0.58 -9.18
CA LYS A 227 5.03 -0.31 -10.08
C LYS A 227 5.32 -1.53 -10.97
N GLY A 228 5.20 -2.71 -10.38
CA GLY A 228 5.37 -3.94 -11.14
C GLY A 228 4.32 -4.09 -12.23
N MET A 229 3.10 -3.66 -11.92
CA MET A 229 2.01 -3.75 -12.88
C MET A 229 2.24 -2.79 -14.05
N GLU A 230 2.70 -1.59 -13.74
CA GLU A 230 3.07 -0.61 -14.77
C GLU A 230 4.21 -1.16 -15.65
N HIS A 231 5.18 -1.80 -15.03
CA HIS A 231 6.30 -2.36 -15.77
C HIS A 231 5.84 -3.47 -16.72
N LEU A 232 4.99 -4.37 -16.21
CA LEU A 232 4.52 -5.49 -17.01
C LEU A 232 3.71 -4.98 -18.19
N TYR A 233 2.87 -3.98 -17.95
CA TYR A 233 2.06 -3.37 -19.00
C TYR A 233 2.96 -2.80 -20.09
N SER A 234 4.08 -2.21 -19.71
N SER A 234 4.07 -2.20 -19.66
CA SER A 234 4.98 -1.62 -20.70
CA SER A 234 5.05 -1.63 -20.57
C SER A 234 5.70 -2.69 -21.51
C SER A 234 5.65 -2.69 -21.48
N MET A 235 6.02 -3.82 -20.88
CA MET A 235 6.60 -4.95 -21.63
C MET A 235 5.61 -5.49 -22.65
N LYS A 236 4.37 -5.66 -22.22
CA LYS A 236 3.30 -6.11 -23.12
C LYS A 236 3.12 -5.15 -24.30
N CYS A 237 3.09 -3.85 -24.01
CA CYS A 237 2.82 -2.85 -25.05
C CYS A 237 3.99 -2.68 -26.00
N LYS A 238 5.14 -3.20 -25.63
CA LYS A 238 6.32 -3.18 -26.49
C LYS A 238 6.58 -4.54 -27.13
N ASN A 239 5.65 -5.47 -26.95
CA ASN A 239 5.77 -6.82 -27.51
C ASN A 239 7.09 -7.50 -27.15
N VAL A 240 7.54 -7.28 -25.91
CA VAL A 240 8.75 -7.91 -25.41
C VAL A 240 8.52 -9.40 -25.14
N VAL A 241 7.36 -9.73 -24.60
CA VAL A 241 7.08 -11.09 -24.18
C VAL A 241 5.62 -11.42 -24.48
N PRO A 242 5.37 -12.64 -24.97
CA PRO A 242 3.98 -13.07 -25.11
C PRO A 242 3.43 -13.46 -23.74
N LEU A 243 2.33 -12.85 -23.34
CA LEU A 243 1.70 -13.18 -22.07
C LEU A 243 0.54 -14.15 -22.29
N SER A 244 0.33 -15.04 -21.32
CA SER A 244 -0.80 -15.96 -21.39
C SER A 244 -2.10 -15.17 -21.32
N ASP A 245 -3.19 -15.76 -21.81
CA ASP A 245 -4.48 -15.10 -21.77
C ASP A 245 -4.86 -14.74 -20.33
N LEU A 246 -4.55 -15.65 -19.40
CA LEU A 246 -4.83 -15.39 -18.00
C LEU A 246 -4.09 -14.13 -17.54
N LEU A 247 -2.79 -14.07 -17.80
CA LEU A 247 -2.01 -12.89 -17.42
C LEU A 247 -2.52 -11.62 -18.09
N LEU A 248 -2.86 -11.70 -19.36
CA LEU A 248 -3.40 -10.53 -20.08
C LEU A 248 -4.62 -9.98 -19.38
N GLU A 249 -5.48 -10.88 -18.94
CA GLU A 249 -6.70 -10.49 -18.26
C GLU A 249 -6.45 -9.98 -16.85
N MET A 250 -5.56 -10.62 -16.11
CA MET A 250 -5.19 -10.16 -14.76
C MET A 250 -4.59 -8.77 -14.83
N LEU A 251 -3.80 -8.54 -15.88
CA LEU A 251 -3.15 -7.26 -16.11
C LEU A 251 -4.18 -6.23 -16.53
N ASP A 252 -5.11 -6.67 -17.38
CA ASP A 252 -6.16 -5.79 -17.90
C ASP A 252 -7.13 -5.29 -16.82
N ALA A 253 -7.28 -6.07 -15.75
CA ALA A 253 -8.17 -5.69 -14.65
C ALA A 253 -7.66 -4.43 -13.98
N HIS A 254 -6.38 -4.14 -14.19
CA HIS A 254 -5.74 -2.97 -13.61
C HIS A 254 -5.72 -1.80 -14.60
N ALA B 14 11.16 14.22 21.17
CA ALA B 14 10.24 13.49 20.30
C ALA B 14 9.88 12.13 20.90
N LEU B 15 10.90 11.36 21.28
CA LEU B 15 10.66 10.08 21.95
C LEU B 15 10.32 10.29 23.42
N SER B 16 10.33 11.54 23.86
CA SER B 16 10.05 11.88 25.25
C SER B 16 8.59 12.22 25.49
N LEU B 17 7.91 12.69 24.45
CA LEU B 17 6.51 13.10 24.54
C LEU B 17 5.62 11.98 25.08
N THR B 18 4.63 12.34 25.88
CA THR B 18 3.59 11.40 26.27
C THR B 18 2.61 11.23 25.13
N ALA B 19 1.70 10.27 25.27
CA ALA B 19 0.66 10.07 24.27
C ALA B 19 -0.18 11.34 24.08
N ASP B 20 -0.55 11.98 25.19
CA ASP B 20 -1.38 13.18 25.12
C ASP B 20 -0.62 14.34 24.47
N GLN B 21 0.66 14.44 24.76
CA GLN B 21 1.49 15.50 24.16
C GLN B 21 1.68 15.28 22.66
N MET B 22 1.78 14.01 22.25
CA MET B 22 1.88 13.69 20.83
C MET B 22 0.62 14.11 20.10
N VAL B 23 -0.54 13.78 20.65
CA VAL B 23 -1.82 14.16 20.04
C VAL B 23 -1.95 15.68 19.92
N SER B 24 -1.63 16.38 21.02
N SER B 24 -1.61 16.40 20.99
CA SER B 24 -1.68 17.83 21.05
CA SER B 24 -1.78 17.85 20.96
C SER B 24 -0.82 18.45 19.98
C SER B 24 -0.79 18.52 19.99
N ALA B 25 0.41 17.94 19.85
CA ALA B 25 1.38 18.46 18.89
C ALA B 25 0.90 18.28 17.46
N LEU B 26 0.33 17.12 17.17
CA LEU B 26 -0.16 16.83 15.83
C LEU B 26 -1.41 17.65 15.52
N LEU B 27 -2.28 17.81 16.51
CA LEU B 27 -3.45 18.66 16.33
C LEU B 27 -3.07 20.12 16.09
N ASP B 28 -2.08 20.61 16.85
CA ASP B 28 -1.61 21.98 16.70
C ASP B 28 -1.00 22.21 15.32
N ALA B 29 -0.37 21.17 14.78
CA ALA B 29 0.42 21.29 13.56
C ALA B 29 -0.42 21.25 12.28
N GLU B 30 -1.73 21.04 12.40
CA GLU B 30 -2.57 20.82 11.22
C GLU B 30 -2.59 22.01 10.25
N PRO B 31 -2.52 21.72 8.94
CA PRO B 31 -2.55 22.79 7.93
C PRO B 31 -3.93 23.42 7.86
N PRO B 32 -4.02 24.63 7.29
CA PRO B 32 -5.33 25.26 7.11
C PRO B 32 -6.09 24.65 5.94
N ILE B 33 -7.40 24.86 5.94
CA ILE B 33 -8.21 24.46 4.79
C ILE B 33 -8.24 25.63 3.80
N LEU B 34 -7.68 25.41 2.62
CA LEU B 34 -7.59 26.45 1.61
C LEU B 34 -8.83 26.46 0.74
N TYR B 35 -9.01 27.57 0.02
CA TYR B 35 -10.11 27.71 -0.91
C TYR B 35 -9.67 27.51 -2.34
N SER B 36 -10.62 27.08 -3.17
CA SER B 36 -10.41 27.04 -4.60
C SER B 36 -10.49 28.46 -5.15
N SER B 45 -15.12 22.56 -17.72
CA SER B 45 -14.41 21.82 -18.76
C SER B 45 -13.27 21.01 -18.17
N GLU B 46 -12.72 20.08 -18.96
CA GLU B 46 -11.62 19.23 -18.51
C GLU B 46 -10.39 20.05 -18.11
N ALA B 47 -10.12 21.10 -18.87
CA ALA B 47 -8.96 21.94 -18.64
C ALA B 47 -9.12 22.78 -17.38
N SER B 48 -10.31 23.35 -17.20
CA SER B 48 -10.53 24.21 -16.05
C SER B 48 -10.62 23.42 -14.75
N MET B 49 -11.21 22.23 -14.80
CA MET B 49 -11.29 21.42 -13.59
C MET B 49 -9.91 20.95 -13.16
N MET B 50 -9.10 20.48 -14.10
CA MET B 50 -7.74 20.08 -13.77
C MET B 50 -6.95 21.28 -13.28
N GLY B 51 -7.21 22.44 -13.88
CA GLY B 51 -6.57 23.67 -13.47
C GLY B 51 -6.85 24.00 -12.01
N LEU B 52 -8.12 23.91 -11.63
CA LEU B 52 -8.52 24.18 -10.25
C LEU B 52 -7.87 23.20 -9.28
N LEU B 53 -7.87 21.92 -9.66
CA LEU B 53 -7.38 20.88 -8.77
C LEU B 53 -5.87 20.97 -8.55
N THR B 54 -5.13 21.24 -9.61
CA THR B 54 -3.67 21.30 -9.52
C THR B 54 -3.22 22.60 -8.87
N ASN B 55 -3.98 23.67 -9.10
CA ASN B 55 -3.72 24.95 -8.44
C ASN B 55 -3.87 24.81 -6.93
N LEU B 56 -4.95 24.15 -6.52
CA LEU B 56 -5.22 23.86 -5.12
C LEU B 56 -4.12 23.00 -4.51
N ALA B 57 -3.78 21.93 -5.20
CA ALA B 57 -2.75 21.00 -4.74
C ALA B 57 -1.42 21.71 -4.54
N ASP B 58 -1.07 22.60 -5.47
CA ASP B 58 0.17 23.34 -5.38
C ASP B 58 0.22 24.23 -4.14
N ARG B 59 -0.88 24.92 -3.87
CA ARG B 59 -0.92 25.78 -2.70
C ARG B 59 -0.94 24.94 -1.41
N GLU B 60 -1.60 23.80 -1.43
CA GLU B 60 -1.61 22.94 -0.26
C GLU B 60 -0.23 22.39 0.06
N LEU B 61 0.52 22.16 -0.98
CA LEU B 61 1.86 21.58 -0.81
C LEU B 61 2.77 22.46 0.03
N VAL B 62 2.68 23.78 -0.15
CA VAL B 62 3.50 24.69 0.63
C VAL B 62 3.18 24.58 2.12
N HIS B 63 1.89 24.47 2.45
CA HIS B 63 1.49 24.29 3.84
C HIS B 63 1.84 22.91 4.38
N MET B 64 1.88 21.91 3.50
CA MET B 64 2.23 20.55 3.93
C MET B 64 3.67 20.49 4.43
N ILE B 65 4.54 21.24 3.77
CA ILE B 65 5.95 21.26 4.14
C ILE B 65 6.11 21.82 5.55
N ASN B 66 5.37 22.87 5.89
CA ASN B 66 5.38 23.39 7.24
C ASN B 66 4.85 22.42 8.27
N TRP B 67 3.76 21.74 7.92
CA TRP B 67 3.18 20.72 8.79
C TRP B 67 4.19 19.59 9.06
N ALA B 68 4.88 19.15 8.01
CA ALA B 68 5.84 18.06 8.15
C ALA B 68 6.94 18.41 9.16
N LYS B 69 7.40 19.65 9.11
CA LYS B 69 8.43 20.13 10.01
C LYS B 69 7.96 20.11 11.47
N ARG B 70 6.65 20.07 11.68
CA ARG B 70 6.12 20.05 13.03
C ARG B 70 5.73 18.63 13.50
N VAL B 71 5.87 17.64 12.63
CA VAL B 71 5.69 16.25 13.04
C VAL B 71 6.91 15.84 13.85
N PRO B 72 6.69 15.45 15.11
CA PRO B 72 7.80 15.16 16.03
C PRO B 72 8.75 14.12 15.46
N GLY B 73 10.04 14.42 15.47
CA GLY B 73 11.04 13.54 14.89
C GLY B 73 11.49 13.93 13.50
N PHE B 74 10.60 14.56 12.73
CA PHE B 74 10.87 14.82 11.31
C PHE B 74 12.04 15.80 11.11
N VAL B 75 12.15 16.82 11.95
CA VAL B 75 13.23 17.79 11.77
C VAL B 75 14.57 17.25 12.25
N ASP B 76 14.55 16.11 12.93
CA ASP B 76 15.80 15.48 13.34
C ASP B 76 16.52 14.91 12.12
N LEU B 77 15.75 14.56 11.11
CA LEU B 77 16.28 13.97 9.89
C LEU B 77 17.11 14.96 9.08
N THR B 78 18.04 14.45 8.29
CA THR B 78 18.78 15.29 7.36
C THR B 78 17.83 15.90 6.37
N LEU B 79 18.25 17.00 5.76
CA LEU B 79 17.50 17.62 4.69
C LEU B 79 17.22 16.61 3.58
N HIS B 80 18.23 15.82 3.26
CA HIS B 80 18.11 14.79 2.22
C HIS B 80 16.96 13.83 2.52
N ASP B 81 16.86 13.39 3.77
CA ASP B 81 15.85 12.42 4.14
C ASP B 81 14.45 13.04 4.21
N GLN B 82 14.37 14.29 4.64
CA GLN B 82 13.10 15.01 4.68
C GLN B 82 12.50 15.14 3.28
N VAL B 83 13.34 15.55 2.34
CA VAL B 83 12.95 15.69 0.94
C VAL B 83 12.44 14.38 0.38
N HIS B 84 13.16 13.31 0.67
CA HIS B 84 12.78 12.02 0.17
C HIS B 84 11.42 11.57 0.71
N LEU B 85 11.19 11.78 2.01
CA LEU B 85 9.93 11.35 2.60
C LEU B 85 8.75 12.12 2.01
N LEU B 86 8.92 13.43 1.83
CA LEU B 86 7.86 14.26 1.26
C LEU B 86 7.62 13.96 -0.22
N GLU B 87 8.69 13.71 -0.97
CA GLU B 87 8.55 13.34 -2.38
C GLU B 87 7.74 12.05 -2.55
N CYS B 88 7.98 11.09 -1.66
N CYS B 88 7.95 11.11 -1.64
CA CYS B 88 7.25 9.83 -1.72
CA CYS B 88 7.30 9.81 -1.68
C CYS B 88 5.79 10.00 -1.35
C CYS B 88 5.85 9.85 -1.22
N ALA B 89 5.56 10.73 -0.27
CA ALA B 89 4.25 10.74 0.39
C ALA B 89 3.27 11.86 0.03
N TRP B 90 3.71 12.87 -0.72
CA TRP B 90 2.91 14.09 -0.84
C TRP B 90 1.48 13.86 -1.34
N LEU B 91 1.30 12.99 -2.33
CA LEU B 91 -0.05 12.77 -2.86
C LEU B 91 -0.89 11.90 -1.92
N GLU B 92 -0.24 10.95 -1.23
CA GLU B 92 -0.94 10.19 -0.18
C GLU B 92 -1.49 11.13 0.88
N ILE B 93 -0.68 12.10 1.27
CA ILE B 93 -1.06 13.05 2.30
C ILE B 93 -2.18 13.98 1.82
N LEU B 94 -2.08 14.45 0.58
CA LEU B 94 -3.17 15.25 -0.01
C LEU B 94 -4.46 14.44 -0.03
N MET B 95 -4.35 13.15 -0.36
CA MET B 95 -5.54 12.33 -0.51
C MET B 95 -6.20 11.98 0.82
N ILE B 96 -5.41 11.68 1.84
CA ILE B 96 -6.02 11.31 3.12
C ILE B 96 -6.70 12.54 3.72
N GLY B 97 -6.14 13.72 3.49
CA GLY B 97 -6.77 14.97 3.90
C GLY B 97 -8.10 15.20 3.20
N LEU B 98 -8.10 14.97 1.89
CA LEU B 98 -9.32 15.08 1.09
C LEU B 98 -10.40 14.12 1.59
N VAL B 99 -10.00 12.88 1.84
CA VAL B 99 -10.92 11.85 2.33
C VAL B 99 -11.50 12.27 3.68
N TRP B 100 -10.64 12.76 4.57
CA TRP B 100 -11.08 13.24 5.87
C TRP B 100 -12.07 14.41 5.77
N ARG B 101 -11.76 15.38 4.92
CA ARG B 101 -12.66 16.53 4.73
C ARG B 101 -14.02 16.10 4.20
N SER B 102 -14.04 15.00 3.44
CA SER B 102 -15.24 14.55 2.75
C SER B 102 -16.10 13.59 3.56
N MET B 103 -15.61 13.19 4.73
CA MET B 103 -16.27 12.19 5.56
C MET B 103 -17.76 12.46 5.79
N GLU B 104 -18.09 13.69 6.14
CA GLU B 104 -19.46 14.05 6.47
C GLU B 104 -20.29 14.44 5.25
N HIS B 105 -19.75 14.17 4.07
CA HIS B 105 -20.44 14.49 2.82
C HIS B 105 -20.52 13.26 1.91
N PRO B 106 -21.37 12.28 2.27
CA PRO B 106 -21.50 11.04 1.49
C PRO B 106 -21.71 11.29 -0.01
N GLY B 107 -20.89 10.63 -0.83
CA GLY B 107 -21.03 10.73 -2.27
C GLY B 107 -20.33 11.91 -2.89
N LYS B 108 -19.67 12.73 -2.07
CA LYS B 108 -18.99 13.92 -2.57
C LYS B 108 -17.55 14.01 -2.07
N LEU B 109 -16.73 14.75 -2.79
CA LEU B 109 -15.35 15.03 -2.39
C LEU B 109 -15.20 16.53 -2.10
N LEU B 110 -14.87 16.86 -0.86
CA LEU B 110 -14.70 18.26 -0.48
C LEU B 110 -13.25 18.69 -0.72
N PHE B 111 -12.96 19.08 -1.95
CA PHE B 111 -11.62 19.57 -2.29
C PHE B 111 -11.34 20.87 -1.58
N ALA B 112 -12.35 21.73 -1.54
CA ALA B 112 -12.31 22.97 -0.77
C ALA B 112 -13.73 23.30 -0.32
N PRO B 113 -13.91 24.21 0.65
CA PRO B 113 -15.30 24.49 1.02
C PRO B 113 -16.11 25.07 -0.14
N ASN B 114 -15.45 25.67 -1.14
CA ASN B 114 -16.16 26.17 -2.31
C ASN B 114 -15.91 25.31 -3.55
N LEU B 115 -15.41 24.10 -3.34
CA LEU B 115 -15.32 23.12 -4.42
C LEU B 115 -15.68 21.74 -3.87
N LEU B 116 -16.97 21.53 -3.72
CA LEU B 116 -17.52 20.26 -3.25
C LEU B 116 -18.08 19.53 -4.47
N LEU B 117 -17.37 18.50 -4.92
CA LEU B 117 -17.66 17.83 -6.17
C LEU B 117 -18.32 16.47 -5.97
N ASP B 118 -19.45 16.25 -6.64
CA ASP B 118 -20.09 14.94 -6.58
C ASP B 118 -19.40 13.99 -7.55
N ARG B 119 -19.73 12.71 -7.42
CA ARG B 119 -19.07 11.65 -8.18
C ARG B 119 -19.05 11.85 -9.70
N ASN B 120 -20.17 12.30 -10.27
CA ASN B 120 -20.28 12.43 -11.73
C ASN B 120 -19.48 13.57 -12.35
N GLN B 121 -18.96 14.46 -11.52
CA GLN B 121 -18.16 15.56 -12.05
C GLN B 121 -16.73 15.10 -12.28
N GLY B 122 -16.41 13.91 -11.78
CA GLY B 122 -15.14 13.27 -12.09
C GLY B 122 -15.08 12.90 -13.56
N LYS B 123 -16.24 12.65 -14.16
CA LYS B 123 -16.33 12.29 -15.57
C LYS B 123 -15.89 13.44 -16.49
N CYS B 124 -15.83 14.64 -15.92
CA CYS B 124 -15.43 15.83 -16.68
C CYS B 124 -13.97 15.78 -17.10
N VAL B 125 -13.22 14.85 -16.50
CA VAL B 125 -11.80 14.67 -16.81
C VAL B 125 -11.53 13.20 -17.14
N GLU B 126 -10.83 12.94 -18.23
CA GLU B 126 -10.54 11.58 -18.66
C GLU B 126 -9.79 10.79 -17.58
N GLY B 127 -10.33 9.63 -17.22
CA GLY B 127 -9.71 8.73 -16.27
C GLY B 127 -9.87 9.13 -14.82
N MET B 128 -10.62 10.19 -14.57
CA MET B 128 -10.72 10.72 -13.21
C MET B 128 -11.77 10.02 -12.35
N VAL B 129 -12.88 9.59 -12.97
CA VAL B 129 -13.99 9.08 -12.17
C VAL B 129 -13.59 7.80 -11.44
N GLU B 130 -12.68 7.02 -12.02
CA GLU B 130 -12.20 5.82 -11.34
C GLU B 130 -11.51 6.20 -10.04
N ILE B 131 -10.74 7.28 -10.10
CA ILE B 131 -10.04 7.74 -8.90
C ILE B 131 -11.01 8.38 -7.92
N PHE B 132 -11.96 9.17 -8.42
CA PHE B 132 -13.02 9.69 -7.56
C PHE B 132 -13.72 8.56 -6.80
N ASP B 133 -14.05 7.49 -7.51
CA ASP B 133 -14.70 6.32 -6.91
C ASP B 133 -13.88 5.68 -5.76
N MET B 134 -12.56 5.59 -5.93
CA MET B 134 -11.72 5.04 -4.88
C MET B 134 -11.69 5.94 -3.66
N LEU B 135 -11.59 7.25 -3.91
CA LEU B 135 -11.57 8.22 -2.82
C LEU B 135 -12.87 8.21 -2.05
N LEU B 136 -13.98 8.12 -2.77
CA LEU B 136 -15.31 8.08 -2.16
C LEU B 136 -15.49 6.81 -1.32
N ALA B 137 -14.98 5.70 -1.82
CA ALA B 137 -15.04 4.45 -1.06
C ALA B 137 -14.24 4.54 0.22
N THR B 138 -13.13 5.27 0.18
CA THR B 138 -12.28 5.41 1.37
C THR B 138 -12.99 6.26 2.43
N SER B 139 -13.63 7.33 1.96
N SER B 139 -13.64 7.34 2.00
CA SER B 139 -14.41 8.20 2.83
CA SER B 139 -14.37 8.16 2.96
C SER B 139 -15.57 7.42 3.46
C SER B 139 -15.59 7.41 3.48
N SER B 140 -16.17 6.55 2.65
CA SER B 140 -17.25 5.69 3.10
C SER B 140 -16.74 4.74 4.19
N ARG B 141 -15.52 4.26 4.01
CA ARG B 141 -14.87 3.41 5.01
C ARG B 141 -14.60 4.19 6.30
N PHE B 142 -14.09 5.41 6.16
CA PHE B 142 -13.89 6.31 7.30
C PHE B 142 -15.17 6.48 8.12
N ARG B 143 -16.27 6.70 7.42
CA ARG B 143 -17.57 6.86 8.07
C ARG B 143 -18.00 5.62 8.84
N MET B 144 -17.85 4.46 8.20
CA MET B 144 -18.33 3.23 8.82
C MET B 144 -17.45 2.88 10.03
N MET B 145 -16.22 3.37 10.05
CA MET B 145 -15.35 3.17 11.21
C MET B 145 -15.53 4.24 12.28
N ASN B 146 -16.25 5.30 11.95
CA ASN B 146 -16.33 6.49 12.80
C ASN B 146 -14.93 7.00 13.17
N LEU B 147 -14.11 7.20 12.15
CA LEU B 147 -12.74 7.69 12.35
C LEU B 147 -12.73 9.02 13.07
N GLN B 148 -11.89 9.14 14.08
CA GLN B 148 -11.82 10.35 14.89
C GLN B 148 -10.69 11.25 14.42
N GLY B 149 -10.81 12.54 14.69
CA GLY B 149 -9.81 13.52 14.30
C GLY B 149 -8.44 13.18 14.84
N GLU B 150 -8.40 12.74 16.10
CA GLU B 150 -7.14 12.39 16.74
C GLU B 150 -6.47 11.19 16.07
N GLU B 151 -7.28 10.26 15.59
CA GLU B 151 -6.79 9.10 14.87
C GLU B 151 -6.27 9.50 13.49
N PHE B 152 -7.01 10.41 12.85
CA PHE B 152 -6.66 10.88 11.52
C PHE B 152 -5.28 11.53 11.49
N VAL B 153 -4.97 12.38 12.46
CA VAL B 153 -3.68 13.06 12.42
C VAL B 153 -2.54 12.09 12.71
N CYS B 154 -2.79 11.06 13.50
CA CYS B 154 -1.79 10.02 13.70
C CYS B 154 -1.51 9.29 12.38
N LEU B 155 -2.57 8.95 11.66
CA LEU B 155 -2.45 8.23 10.40
C LEU B 155 -1.70 9.05 9.36
N LYS B 156 -1.95 10.35 9.32
CA LYS B 156 -1.29 11.20 8.34
C LYS B 156 0.20 11.26 8.64
N SER B 157 0.55 11.26 9.92
CA SER B 157 1.95 11.30 10.33
C SER B 157 2.66 10.00 9.97
N ILE B 158 1.97 8.88 10.17
CA ILE B 158 2.51 7.58 9.81
C ILE B 158 2.81 7.49 8.31
N ILE B 159 1.91 8.02 7.48
CA ILE B 159 2.13 8.06 6.03
C ILE B 159 3.42 8.79 5.68
N LEU B 160 3.61 9.96 6.28
CA LEU B 160 4.81 10.76 6.07
C LEU B 160 6.08 9.98 6.40
N LEU B 161 6.09 9.31 7.55
CA LEU B 161 7.29 8.64 8.05
C LEU B 161 7.48 7.25 7.45
N ASN B 162 6.40 6.61 7.00
CA ASN B 162 6.50 5.23 6.55
C ASN B 162 6.72 5.07 5.05
N SER B 163 6.07 5.88 4.23
CA SER B 163 5.96 5.56 2.80
C SER B 163 7.31 5.43 2.09
N GLY B 164 8.28 6.27 2.44
CA GLY B 164 9.59 6.18 1.81
C GLY B 164 10.67 5.59 2.69
N VAL B 165 10.27 5.00 3.82
CA VAL B 165 11.26 4.65 4.83
C VAL B 165 12.13 3.42 4.49
N TYR B 166 11.58 2.49 3.71
CA TYR B 166 12.38 1.35 3.26
C TYR B 166 13.42 1.78 2.25
N THR B 167 13.29 2.94 1.63
CA THR B 167 14.27 3.37 0.63
C THR B 167 15.52 3.96 1.28
N ASP B 180 16.61 3.93 12.15
CA ASP B 180 16.08 3.30 13.33
C ASP B 180 15.32 4.28 14.22
N HIS B 181 15.77 5.49 14.26
CA HIS B 181 15.12 6.54 15.00
C HIS B 181 13.75 6.87 14.38
N ILE B 182 13.64 6.71 13.06
CA ILE B 182 12.35 6.87 12.40
C ILE B 182 11.41 5.74 12.83
N HIS B 183 11.95 4.54 12.99
CA HIS B 183 11.13 3.41 13.40
C HIS B 183 10.71 3.54 14.86
N ARG B 184 11.51 4.23 15.66
CA ARG B 184 11.16 4.52 17.04
C ARG B 184 10.03 5.53 17.10
N VAL B 185 10.08 6.53 16.21
CA VAL B 185 9.02 7.52 16.17
C VAL B 185 7.73 6.86 15.68
N LEU B 186 7.85 5.97 14.69
CA LEU B 186 6.68 5.25 14.21
C LEU B 186 6.04 4.41 15.33
N ASP B 187 6.87 3.78 16.16
CA ASP B 187 6.37 3.01 17.30
C ASP B 187 5.60 3.91 18.28
N LYS B 188 6.12 5.11 18.51
CA LYS B 188 5.47 6.08 19.39
C LYS B 188 4.09 6.46 18.89
N ILE B 189 3.94 6.61 17.58
CA ILE B 189 2.65 7.00 17.02
C ILE B 189 1.68 5.83 17.14
N THR B 190 2.17 4.60 16.96
CA THR B 190 1.37 3.42 17.25
C THR B 190 0.90 3.43 18.71
N ASP B 191 1.82 3.72 19.63
CA ASP B 191 1.49 3.84 21.05
C ASP B 191 0.36 4.86 21.27
N THR B 192 0.45 5.95 20.52
CA THR B 192 -0.48 7.06 20.66
C THR B 192 -1.85 6.65 20.15
N LEU B 193 -1.89 5.93 19.02
CA LEU B 193 -3.15 5.41 18.52
C LEU B 193 -3.82 4.49 19.53
N ILE B 194 -3.03 3.59 20.11
CA ILE B 194 -3.53 2.63 21.09
C ILE B 194 -4.04 3.35 22.35
N HIS B 195 -3.29 4.37 22.78
CA HIS B 195 -3.70 5.21 23.91
C HIS B 195 -5.07 5.85 23.68
N LEU B 196 -5.28 6.39 22.47
CA LEU B 196 -6.55 7.01 22.12
C LEU B 196 -7.71 6.03 22.20
N MET B 197 -7.45 4.79 21.76
CA MET B 197 -8.48 3.74 21.78
C MET B 197 -8.79 3.27 23.19
N ALA B 198 -7.74 3.16 24.01
CA ALA B 198 -7.92 2.79 25.40
C ALA B 198 -8.72 3.87 26.14
N LYS B 199 -8.38 5.12 25.87
CA LYS B 199 -9.08 6.25 26.47
C LYS B 199 -10.56 6.25 26.07
N ALA B 200 -10.84 5.76 24.87
CA ALA B 200 -12.19 5.73 24.34
C ALA B 200 -12.99 4.54 24.87
N GLY B 201 -12.34 3.68 25.66
CA GLY B 201 -13.03 2.60 26.34
C GLY B 201 -12.99 1.25 25.65
N LEU B 202 -12.24 1.14 24.56
CA LEU B 202 -12.17 -0.12 23.83
C LEU B 202 -11.43 -1.19 24.64
N THR B 203 -11.88 -2.43 24.53
CA THR B 203 -11.16 -3.56 25.13
C THR B 203 -9.85 -3.78 24.39
N LEU B 204 -8.94 -4.51 25.02
CA LEU B 204 -7.65 -4.82 24.41
C LEU B 204 -7.85 -5.45 23.03
N GLN B 205 -8.76 -6.40 22.96
CA GLN B 205 -9.08 -7.07 21.69
C GLN B 205 -9.60 -6.09 20.63
N GLN B 206 -10.47 -5.18 21.05
CA GLN B 206 -10.99 -4.14 20.17
C GLN B 206 -9.92 -3.15 19.73
N GLN B 207 -8.97 -2.85 20.60
CA GLN B 207 -7.90 -1.92 20.25
C GLN B 207 -7.04 -2.50 19.13
N HIS B 208 -6.65 -3.75 19.27
CA HIS B 208 -5.78 -4.38 18.29
C HIS B 208 -6.50 -4.51 16.95
N GLN B 209 -7.77 -4.87 16.99
CA GLN B 209 -8.56 -4.98 15.76
C GLN B 209 -8.71 -3.63 15.06
N ARG B 210 -8.94 -2.57 15.83
CA ARG B 210 -9.14 -1.25 15.23
C ARG B 210 -7.84 -0.68 14.69
N LEU B 211 -6.74 -0.91 15.40
CA LEU B 211 -5.43 -0.52 14.92
C LEU B 211 -5.17 -1.14 13.55
N ALA B 212 -5.44 -2.44 13.42
CA ALA B 212 -5.26 -3.13 12.16
C ALA B 212 -6.13 -2.54 11.04
N GLN B 213 -7.40 -2.29 11.36
CA GLN B 213 -8.32 -1.71 10.39
C GLN B 213 -7.81 -0.37 9.88
N LEU B 214 -7.31 0.46 10.79
CA LEU B 214 -6.80 1.78 10.42
C LEU B 214 -5.56 1.67 9.55
N LEU B 215 -4.63 0.79 9.92
CA LEU B 215 -3.38 0.68 9.18
C LEU B 215 -3.59 0.05 7.80
N LEU B 216 -4.61 -0.79 7.66
CA LEU B 216 -4.88 -1.42 6.37
C LEU B 216 -5.40 -0.40 5.36
N ILE B 217 -6.05 0.66 5.83
CA ILE B 217 -6.53 1.69 4.92
C ILE B 217 -5.34 2.43 4.27
N LEU B 218 -4.18 2.42 4.93
CA LEU B 218 -2.99 3.05 4.35
C LEU B 218 -2.52 2.32 3.07
N SER B 219 -2.82 1.03 2.96
CA SER B 219 -2.54 0.28 1.74
C SER B 219 -3.41 0.81 0.59
N HIS B 220 -4.66 1.13 0.91
CA HIS B 220 -5.57 1.68 -0.08
C HIS B 220 -5.17 3.09 -0.48
N ILE B 221 -4.71 3.87 0.47
CA ILE B 221 -4.27 5.24 0.19
C ILE B 221 -3.03 5.21 -0.70
N ARG B 222 -2.13 4.26 -0.46
CA ARG B 222 -0.96 4.07 -1.33
C ARG B 222 -1.38 3.76 -2.77
N HIS B 223 -2.31 2.82 -2.90
CA HIS B 223 -2.86 2.45 -4.21
C HIS B 223 -3.40 3.67 -4.95
N MET B 224 -4.19 4.49 -4.24
CA MET B 224 -4.81 5.66 -4.85
C MET B 224 -3.78 6.70 -5.30
N SER B 225 -2.75 6.89 -4.48
CA SER B 225 -1.68 7.83 -4.82
C SER B 225 -0.93 7.39 -6.08
N ASN B 226 -0.65 6.09 -6.19
CA ASN B 226 0.04 5.60 -7.36
C ASN B 226 -0.81 5.75 -8.62
N LYS B 227 -2.12 5.52 -8.51
CA LYS B 227 -3.00 5.74 -9.64
C LYS B 227 -3.11 7.22 -9.99
N GLY B 228 -3.20 8.06 -8.96
CA GLY B 228 -3.28 9.49 -9.14
C GLY B 228 -2.04 10.06 -9.78
N MET B 229 -0.89 9.49 -9.42
CA MET B 229 0.39 9.93 -9.96
C MET B 229 0.47 9.61 -11.45
N GLU B 230 0.01 8.41 -11.80
CA GLU B 230 -0.08 7.96 -13.19
C GLU B 230 -0.98 8.90 -13.98
N HIS B 231 -2.09 9.31 -13.35
CA HIS B 231 -3.04 10.20 -14.00
C HIS B 231 -2.44 11.59 -14.21
N LEU B 232 -1.83 12.14 -13.16
CA LEU B 232 -1.24 13.47 -13.24
C LEU B 232 -0.15 13.51 -14.31
N TYR B 233 0.66 12.46 -14.38
CA TYR B 233 1.71 12.38 -15.39
C TYR B 233 1.13 12.39 -16.80
N SER B 234 0.00 11.71 -16.97
CA SER B 234 -0.67 11.65 -18.27
C SER B 234 -1.22 13.01 -18.67
N MET B 235 -1.73 13.76 -17.70
CA MET B 235 -2.28 15.07 -17.97
C MET B 235 -1.18 16.03 -18.37
N LYS B 236 -0.04 15.94 -17.68
CA LYS B 236 1.12 16.74 -18.01
C LYS B 236 1.61 16.50 -19.43
N CYS B 237 1.75 15.23 -19.79
CA CYS B 237 2.21 14.88 -21.13
C CYS B 237 1.28 15.43 -22.19
N LYS B 238 -0.03 15.40 -21.90
CA LYS B 238 -1.06 15.82 -22.85
C LYS B 238 -1.26 17.33 -22.91
N ASN B 239 -0.48 18.06 -22.12
CA ASN B 239 -0.58 19.52 -22.09
C ASN B 239 -2.00 20.05 -21.84
N VAL B 240 -2.81 19.31 -21.09
CA VAL B 240 -4.14 19.76 -20.73
C VAL B 240 -4.16 20.86 -19.67
N VAL B 241 -3.07 21.04 -18.93
CA VAL B 241 -3.07 22.02 -17.87
C VAL B 241 -1.64 22.47 -17.62
N PRO B 242 -1.47 23.74 -17.27
CA PRO B 242 -0.17 24.18 -16.77
C PRO B 242 0.06 23.71 -15.34
N LEU B 243 1.27 23.24 -15.04
CA LEU B 243 1.62 22.83 -13.70
C LEU B 243 2.76 23.67 -13.13
N SER B 244 2.68 23.96 -11.84
CA SER B 244 3.69 24.77 -11.16
C SER B 244 5.04 24.05 -11.14
N ASP B 245 6.12 24.83 -11.03
CA ASP B 245 7.45 24.27 -10.88
C ASP B 245 7.51 23.25 -9.75
N LEU B 246 6.87 23.57 -8.63
CA LEU B 246 6.87 22.69 -7.48
C LEU B 246 6.21 21.36 -7.82
N LEU B 247 5.01 21.41 -8.38
CA LEU B 247 4.29 20.19 -8.77
C LEU B 247 5.08 19.33 -9.74
N LEU B 248 5.68 19.96 -10.74
CA LEU B 248 6.51 19.26 -11.73
C LEU B 248 7.66 18.52 -11.04
N GLU B 249 8.26 19.17 -10.06
CA GLU B 249 9.31 18.55 -9.26
C GLU B 249 8.79 17.34 -8.48
N MET B 250 7.66 17.51 -7.79
CA MET B 250 7.08 16.43 -7.01
C MET B 250 6.73 15.24 -7.88
N LEU B 251 6.15 15.53 -9.04
CA LEU B 251 5.75 14.49 -9.99
C LEU B 251 6.96 13.71 -10.50
N ASP B 252 8.01 14.42 -10.88
CA ASP B 252 9.18 13.77 -11.47
C ASP B 252 10.03 13.01 -10.45
N ALA B 253 9.73 13.18 -9.17
CA ALA B 253 10.39 12.39 -8.14
C ALA B 253 9.94 10.93 -8.24
N HIS B 254 8.76 10.73 -8.82
CA HIS B 254 8.20 9.40 -9.00
C HIS B 254 8.52 8.82 -10.38
N ARG B 255 9.44 9.48 -11.07
CA ARG B 255 9.89 9.09 -12.41
C ARG B 255 8.74 9.12 -13.42
C ACE C 1 -17.03 -14.23 -20.97
O ACE C 1 -17.50 -14.58 -22.04
CH3 ACE C 1 -16.28 -12.92 -20.86
N HIS C 2 -17.21 -14.93 -19.87
CA HIS C 2 -16.70 -14.54 -18.55
C HIS C 2 -15.17 -14.73 -18.52
N LYS C 3 -14.52 -13.96 -17.69
CA LYS C 3 -13.10 -14.01 -17.47
C LYS C 3 -12.61 -15.43 -17.25
N ILE C 4 -11.39 -15.67 -17.65
CA ILE C 4 -10.83 -16.99 -17.47
C ILE C 4 -10.67 -17.33 -15.98
N LEU C 5 -10.41 -16.33 -15.17
CA LEU C 5 -10.26 -16.53 -13.70
C LEU C 5 -11.59 -17.06 -13.17
N HIS C 6 -12.62 -16.48 -13.67
CA HIS C 6 -13.98 -16.87 -13.26
C HIS C 6 -14.17 -18.38 -13.45
N LYS C 7 -13.66 -18.88 -14.54
CA LYS C 7 -13.65 -20.29 -14.82
C LYS C 7 -12.79 -20.99 -13.99
N LEU C 8 -11.49 -20.62 -13.76
CA LEU C 8 -10.61 -21.39 -12.88
C LEU C 8 -11.05 -21.47 -11.55
N LEU C 9 -11.88 -20.50 -11.03
CA LEU C 9 -12.35 -20.59 -9.64
C LEU C 9 -13.22 -21.65 -9.42
N GLN C 10 -13.69 -22.32 -10.52
CA GLN C 10 -14.67 -23.46 -10.45
C GLN C 10 -14.13 -24.74 -10.69
N ASP C 11 -13.30 -24.91 -11.71
CA ASP C 11 -12.79 -26.21 -12.16
C ASP C 11 -11.74 -26.59 -11.36
N SER C 12 -12.09 -27.53 -10.47
CA SER C 12 -11.30 -28.07 -9.38
C SER C 12 -12.23 -27.79 -8.19
N NH2 C 13 -12.72 -26.56 -8.15
C ACE D 1 17.00 21.08 -6.05
O ACE D 1 16.69 20.09 -6.67
N ALA D 2 16.15 21.99 -5.66
CA ALA D 2 14.76 21.90 -5.92
C ALA D 2 14.13 22.90 -5.01
N ILE D 3 12.96 23.34 -5.42
CA ILE D 3 12.25 24.26 -4.56
C ILE D 3 11.90 23.57 -3.26
N LEU D 4 11.76 22.28 -3.29
CA LEU D 4 11.37 21.54 -2.10
C LEU D 4 12.40 21.78 -1.01
N HIS D 5 13.68 21.70 -1.38
CA HIS D 5 14.78 21.94 -0.47
C HIS D 5 14.67 23.31 0.20
N LYS D 6 14.45 24.31 -0.60
CA LYS D 6 14.32 25.68 -0.10
C LYS D 6 13.20 25.85 0.72
N LEU D 7 12.05 25.19 0.44
CA LEU D 7 10.87 25.34 1.30
C LEU D 7 11.11 24.81 2.53
N LEU D 8 11.87 23.68 2.62
CA LEU D 8 12.17 23.05 3.89
C LEU D 8 13.04 23.86 4.63
N GLN D 9 14.06 24.49 4.00
CA GLN D 9 15.00 25.34 4.74
C GLN D 9 14.41 26.51 5.20
N ASP D 10 13.47 27.16 4.46
CA ASP D 10 12.87 28.42 4.87
C ASP D 10 11.74 28.28 5.70
N SER D 11 11.30 27.08 5.91
CA SER D 11 10.16 26.84 6.80
C SER D 11 10.65 26.89 8.26
N NH2 D 12 11.71 26.15 8.50
C1 EST E . 7.15 -13.52 -11.05
C2 EST E . 6.99 -14.53 -10.15
C3 EST E . 6.98 -14.33 -8.78
O3 EST E . 6.79 -15.35 -7.96
C4 EST E . 7.15 -13.06 -8.29
C5 EST E . 7.31 -11.99 -9.15
C6 EST E . 7.49 -10.59 -8.62
C7 EST E . 8.00 -9.63 -9.67
C8 EST E . 7.30 -9.74 -11.00
C9 EST E . 7.52 -11.12 -11.59
C10 EST E . 7.32 -12.23 -10.61
C11 EST E . 6.68 -11.24 -12.86
C12 EST E . 7.22 -10.24 -13.87
C13 EST E . 7.12 -8.80 -13.36
C14 EST E . 7.83 -8.75 -12.04
C15 EST E . 7.91 -7.28 -11.72
C16 EST E . 8.00 -6.59 -13.06
C17 EST E . 7.78 -7.65 -14.12
O17 EST E . 7.10 -7.16 -15.23
C18 EST E . 5.69 -8.45 -13.15
C1 EST F . -5.92 18.14 -5.18
C2 EST F . -5.97 18.66 -3.93
C3 EST F . -6.17 17.87 -2.82
O3 EST F . -6.24 18.44 -1.63
C4 EST F . -6.34 16.50 -3.00
C5 EST F . -6.28 15.92 -4.24
C6 EST F . -6.45 14.42 -4.43
C7 EST F . -6.63 14.03 -5.88
C8 EST F . -5.70 14.75 -6.83
C9 EST F . -6.00 16.23 -6.78
C10 EST F . -6.05 16.79 -5.41
C11 EST F . -5.02 16.96 -7.69
C12 EST F . -5.17 16.49 -9.13
C13 EST F . -4.95 14.98 -9.22
C14 EST F . -5.90 14.30 -8.27
C15 EST F . -5.83 12.85 -8.62
C16 EST F . -5.63 12.85 -10.10
C17 EST F . -5.30 14.28 -10.52
O17 EST F . -4.29 14.28 -11.48
C18 EST F . -3.51 14.65 -8.91
#